data_5ELD
#
_entry.id   5ELD
#
_cell.length_a   69.700
_cell.length_b   69.806
_cell.length_c   134.735
_cell.angle_alpha   90.00
_cell.angle_beta   90.00
_cell.angle_gamma   90.00
#
_symmetry.space_group_name_H-M   'P 21 21 21'
#
loop_
_entity.id
_entity.type
_entity.pdbx_description
1 polymer 'Cholera enterotoxin B subunit'
2 branched alpha-L-fucopyranose-(1-2)-[2-acetamido-2-deoxy-alpha-D-galactopyranose-(1-3)]beta-D-galactopyranose-(1-4)-[alpha-L-fucopyranose-(1-3)]2-acetamido-2-deoxy-alpha-D-glucopyranose
3 non-polymer DI(HYDROXYETHYL)ETHER
4 non-polymer beta-D-galactopyranose
5 non-polymer 'SODIUM ION'
6 non-polymer '2-(N-MORPHOLINO)-ETHANESULFONIC ACID'
7 non-polymer 'TRIETHYLENE GLYCOL'
8 non-polymer alpha-D-galactopyranose
9 water water
#
_entity_poly.entity_id   1
_entity_poly.type   'polypeptide(L)'
_entity_poly.pdbx_seq_one_letter_code
;TPQNITDLCAEYHNTQIHTLNDKIFSYTESLAGKREMAIITFKNGATFQVEVPGSQHIDSQKKAIERMKDTLRIAYLTEA
KVEKLCVWNNKTPHAIAAISMAN
;
_entity_poly.pdbx_strand_id   A,B,C,D,E
#
# COMPACT_ATOMS: atom_id res chain seq x y z
N THR A 1 16.50 17.71 -15.32
CA THR A 1 15.21 17.51 -14.64
C THR A 1 15.17 18.46 -13.43
N PRO A 2 14.03 19.15 -13.19
CA PRO A 2 13.99 20.04 -12.03
C PRO A 2 14.24 19.32 -10.73
N GLN A 3 14.86 20.00 -9.78
CA GLN A 3 15.26 19.39 -8.53
C GLN A 3 14.43 19.74 -7.34
N ASN A 4 13.41 20.55 -7.55
CA ASN A 4 12.53 20.95 -6.47
C ASN A 4 11.19 21.34 -7.06
N ILE A 5 10.20 21.42 -6.17
CA ILE A 5 8.83 21.70 -6.61
C ILE A 5 8.67 23.05 -7.27
N THR A 6 9.40 24.04 -6.83
CA THR A 6 9.24 25.37 -7.42
C THR A 6 9.67 25.34 -8.88
N ASP A 7 10.81 24.73 -9.15
CA ASP A 7 11.30 24.66 -10.53
C ASP A 7 10.43 23.76 -11.41
N LEU A 8 9.88 22.68 -10.84
CA LEU A 8 8.95 21.83 -11.57
C LEU A 8 7.70 22.63 -11.96
N CYS A 9 7.19 23.39 -11.01
CA CYS A 9 5.94 24.13 -11.21
CA CYS A 9 5.96 24.20 -11.18
C CYS A 9 6.10 25.15 -12.35
N ALA A 10 7.29 25.72 -12.47
CA ALA A 10 7.54 26.73 -13.51
C ALA A 10 7.51 26.17 -14.94
N GLU A 11 7.60 24.87 -15.11
CA GLU A 11 7.50 24.25 -16.44
C GLU A 11 6.08 24.20 -17.02
N TYR A 12 5.05 24.48 -16.22
CA TYR A 12 3.66 24.40 -16.65
C TYR A 12 3.03 25.75 -16.74
N HIS A 13 2.00 25.85 -17.57
CA HIS A 13 1.16 27.04 -17.61
C HIS A 13 0.06 26.94 -16.54
N ASN A 14 -0.30 28.08 -15.99
CA ASN A 14 -1.46 28.21 -15.07
C ASN A 14 -1.24 27.48 -13.75
N THR A 15 0.02 27.37 -13.35
CA THR A 15 0.33 26.80 -12.05
C THR A 15 0.98 27.80 -11.17
N GLN A 16 0.96 27.52 -9.86
CA GLN A 16 1.65 28.35 -8.90
C GLN A 16 1.88 27.51 -7.64
N ILE A 17 2.78 28.00 -6.83
CA ILE A 17 3.19 27.38 -5.60
C ILE A 17 2.44 28.01 -4.45
N HIS A 18 1.83 27.18 -3.61
CA HIS A 18 1.31 27.63 -2.31
C HIS A 18 2.21 27.03 -1.26
N THR A 19 2.66 27.85 -0.34
CA THR A 19 3.49 27.41 0.75
C THR A 19 2.62 27.24 1.98
N LEU A 20 2.61 26.02 2.54
CA LEU A 20 1.79 25.69 3.71
C LEU A 20 2.62 25.50 4.95
N ASN A 21 3.68 24.68 4.86
CA ASN A 21 4.46 24.28 6.04
C ASN A 21 3.55 23.90 7.21
N ASP A 22 2.62 23.00 6.89
CA ASP A 22 1.59 22.63 7.87
C ASP A 22 1.05 21.27 7.54
N LYS A 23 0.56 20.58 8.57
CA LYS A 23 -0.18 19.35 8.33
C LYS A 23 -1.54 19.63 7.68
N ILE A 24 -2.09 18.63 7.05
CA ILE A 24 -3.41 18.67 6.42
C ILE A 24 -4.49 18.70 7.51
N PHE A 25 -5.43 19.62 7.39
CA PHE A 25 -6.53 19.79 8.36
C PHE A 25 -7.69 18.80 8.16
N SER A 26 -8.05 18.57 6.90
CA SER A 26 -9.03 17.58 6.58
C SER A 26 -8.78 16.91 5.26
N TYR A 27 -9.29 15.69 5.15
CA TYR A 27 -9.09 14.82 3.99
C TYR A 27 -10.45 14.26 3.64
N THR A 28 -10.84 14.39 2.36
CA THR A 28 -12.18 13.93 1.87
C THR A 28 -11.94 13.12 0.63
N GLU A 29 -12.61 11.97 0.46
CA GLU A 29 -12.56 11.25 -0.82
C GLU A 29 -13.93 10.69 -1.14
N SER A 30 -14.13 10.47 -2.44
CA SER A 30 -15.44 10.15 -2.99
C SER A 30 -15.33 9.04 -4.00
N LEU A 31 -16.32 8.14 -3.98
CA LEU A 31 -16.47 7.13 -5.01
C LEU A 31 -17.76 7.38 -5.85
N ALA A 32 -18.42 8.51 -5.62
CA ALA A 32 -19.66 8.83 -6.38
C ALA A 32 -19.26 8.96 -7.87
N GLY A 33 -20.11 8.44 -8.76
CA GLY A 33 -19.82 8.41 -10.18
C GLY A 33 -19.61 9.78 -10.76
N LYS A 34 -18.48 9.93 -11.50
CA LYS A 34 -18.01 11.19 -12.06
C LYS A 34 -17.43 12.20 -11.05
N ARG A 35 -17.40 11.83 -9.76
CA ARG A 35 -16.80 12.66 -8.75
C ARG A 35 -15.81 11.82 -7.93
N GLU A 36 -15.05 10.97 -8.62
CA GLU A 36 -14.02 10.09 -7.95
C GLU A 36 -12.76 10.95 -7.75
N MET A 37 -12.80 11.70 -6.67
CA MET A 37 -11.87 12.75 -6.40
C MET A 37 -11.48 12.76 -4.93
N ALA A 38 -10.43 13.55 -4.61
CA ALA A 38 -10.06 13.87 -3.24
C ALA A 38 -9.98 15.37 -3.01
N ILE A 39 -10.27 15.81 -1.78
CA ILE A 39 -10.14 17.17 -1.40
C ILE A 39 -9.39 17.23 -0.09
N ILE A 40 -8.47 18.15 0.01
CA ILE A 40 -7.79 18.46 1.25
C ILE A 40 -7.95 19.91 1.65
N THR A 41 -7.89 20.18 2.94
CA THR A 41 -7.89 21.54 3.44
CA THR A 41 -7.90 21.53 3.44
C THR A 41 -6.78 21.74 4.47
N PHE A 42 -6.40 22.98 4.66
CA PHE A 42 -5.51 23.43 5.68
C PHE A 42 -6.20 24.39 6.62
N LYS A 43 -5.67 24.57 7.82
CA LYS A 43 -6.41 25.35 8.83
C LYS A 43 -6.55 26.84 8.44
N ASN A 44 -5.69 27.35 7.54
CA ASN A 44 -5.88 28.71 6.99
C ASN A 44 -6.97 28.84 5.96
N GLY A 45 -7.71 27.77 5.65
CA GLY A 45 -8.80 27.79 4.70
C GLY A 45 -8.44 27.35 3.28
N ALA A 46 -7.14 27.19 3.00
CA ALA A 46 -6.69 26.71 1.70
C ALA A 46 -7.31 25.36 1.42
N THR A 47 -7.88 25.16 0.23
CA THR A 47 -8.59 23.96 -0.17
C THR A 47 -8.11 23.55 -1.54
N PHE A 48 -7.73 22.29 -1.70
CA PHE A 48 -7.19 21.74 -2.96
C PHE A 48 -7.83 20.45 -3.31
N GLN A 49 -7.88 20.13 -4.59
CA GLN A 49 -8.39 18.86 -5.05
C GLN A 49 -7.37 18.07 -5.81
N VAL A 50 -7.59 16.75 -5.82
CA VAL A 50 -7.02 15.90 -6.83
C VAL A 50 -8.17 15.68 -7.79
N GLU A 51 -7.98 16.18 -9.02
CA GLU A 51 -9.05 16.07 -10.02
C GLU A 51 -9.48 14.66 -10.38
N VAL A 52 -10.75 14.55 -10.75
CA VAL A 52 -11.29 13.32 -11.33
C VAL A 52 -10.49 13.05 -12.62
N PRO A 53 -10.00 11.82 -12.84
CA PRO A 53 -9.29 11.54 -14.10
C PRO A 53 -10.18 11.82 -15.32
N GLY A 54 -9.63 12.39 -16.38
CA GLY A 54 -10.44 13.01 -17.46
C GLY A 54 -9.62 13.29 -18.71
N SER A 55 -10.25 14.01 -19.65
CA SER A 55 -9.64 14.40 -20.96
C SER A 55 -8.37 15.25 -20.87
N GLN A 56 -8.28 16.03 -19.79
CA GLN A 56 -7.09 16.86 -19.50
C GLN A 56 -5.84 16.06 -19.08
N HIS A 57 -5.98 14.74 -18.85
CA HIS A 57 -4.87 13.85 -18.46
C HIS A 57 -4.41 12.94 -19.60
N ILE A 58 -3.08 12.80 -19.73
CA ILE A 58 -2.51 11.77 -20.59
C ILE A 58 -2.43 10.47 -19.77
N ASP A 59 -2.18 9.34 -20.43
CA ASP A 59 -2.34 8.04 -19.77
C ASP A 59 -1.26 7.70 -18.71
N SER A 60 -0.05 8.27 -18.82
CA SER A 60 0.96 8.13 -17.73
C SER A 60 0.46 8.73 -16.40
N GLN A 61 -0.42 9.72 -16.52
CA GLN A 61 -0.92 10.41 -15.38
C GLN A 61 -1.93 9.59 -14.56
N LYS A 62 -2.53 8.52 -15.08
CA LYS A 62 -3.55 7.80 -14.32
C LYS A 62 -2.97 7.20 -13.04
N LYS A 63 -1.85 6.46 -13.15
CA LYS A 63 -1.19 5.89 -11.97
C LYS A 63 -0.74 7.02 -11.03
N ALA A 64 -0.29 8.14 -11.61
CA ALA A 64 0.22 9.22 -10.77
C ALA A 64 -0.88 9.90 -9.98
N ILE A 65 -2.09 10.01 -10.55
CA ILE A 65 -3.23 10.56 -9.84
C ILE A 65 -3.56 9.64 -8.65
N GLU A 66 -3.55 8.35 -8.89
CA GLU A 66 -3.82 7.41 -7.79
C GLU A 66 -2.75 7.50 -6.68
N ARG A 67 -1.51 7.62 -7.08
CA ARG A 67 -0.41 7.75 -6.13
CA ARG A 67 -0.41 7.74 -6.13
C ARG A 67 -0.59 9.00 -5.28
N MET A 68 -0.99 10.12 -5.90
CA MET A 68 -1.14 11.36 -5.16
C MET A 68 -2.23 11.22 -4.09
N LYS A 69 -3.31 10.54 -4.43
CA LYS A 69 -4.36 10.33 -3.42
C LYS A 69 -3.85 9.42 -2.30
N ASP A 70 -3.04 8.42 -2.63
CA ASP A 70 -2.39 7.56 -1.60
C ASP A 70 -1.54 8.46 -0.68
N THR A 71 -0.76 9.37 -1.30
CA THR A 71 0.14 10.24 -0.53
C THR A 71 -0.59 11.15 0.42
N LEU A 72 -1.67 11.75 -0.09
CA LEU A 72 -2.41 12.71 0.71
C LEU A 72 -3.09 12.01 1.90
N ARG A 73 -3.60 10.81 1.67
CA ARG A 73 -4.26 10.06 2.77
C ARG A 73 -3.23 9.76 3.91
N ILE A 74 -2.08 9.21 3.56
CA ILE A 74 -1.13 8.84 4.61
CA ILE A 74 -1.07 8.84 4.56
C ILE A 74 -0.49 10.08 5.22
N ALA A 75 -0.29 11.15 4.43
CA ALA A 75 0.15 12.40 5.02
C ALA A 75 -0.87 12.88 6.05
N TYR A 76 -2.16 12.85 5.70
CA TYR A 76 -3.17 13.32 6.62
C TYR A 76 -3.13 12.48 7.91
N LEU A 77 -3.13 11.18 7.75
CA LEU A 77 -3.27 10.28 8.92
C LEU A 77 -2.06 10.41 9.84
N THR A 78 -0.89 10.63 9.29
CA THR A 78 0.35 10.69 10.10
C THR A 78 0.68 12.10 10.51
N GLU A 79 -0.15 13.08 10.10
CA GLU A 79 0.11 14.50 10.34
CA GLU A 79 0.12 14.51 10.34
C GLU A 79 1.46 14.96 9.79
N ALA A 80 1.81 14.41 8.64
CA ALA A 80 3.04 14.82 7.96
C ALA A 80 2.93 16.27 7.53
N LYS A 81 3.96 17.04 7.77
CA LYS A 81 3.97 18.44 7.32
CA LYS A 81 3.99 18.43 7.33
C LYS A 81 4.10 18.54 5.83
N VAL A 82 3.16 19.24 5.20
CA VAL A 82 3.22 19.54 3.77
C VAL A 82 4.00 20.84 3.65
N GLU A 83 5.04 20.86 2.82
CA GLU A 83 5.81 22.07 2.64
C GLU A 83 5.13 22.97 1.62
N LYS A 84 5.09 22.52 0.38
CA LYS A 84 4.48 23.27 -0.71
CA LYS A 84 4.49 23.26 -0.74
C LYS A 84 3.59 22.40 -1.58
N LEU A 85 2.63 23.05 -2.24
CA LEU A 85 1.82 22.45 -3.27
C LEU A 85 2.00 23.26 -4.54
N CYS A 86 2.21 22.58 -5.65
CA CYS A 86 2.13 23.20 -6.98
C CYS A 86 0.73 22.88 -7.47
N VAL A 87 -0.04 23.93 -7.82
CA VAL A 87 -1.40 23.74 -8.20
C VAL A 87 -1.77 24.50 -9.48
N TRP A 88 -2.74 23.94 -10.18
CA TRP A 88 -3.39 24.68 -11.28
C TRP A 88 -4.41 25.62 -10.68
N ASN A 89 -4.29 26.91 -11.00
CA ASN A 89 -5.12 27.96 -10.40
C ASN A 89 -6.32 28.36 -11.27
N ASN A 90 -6.55 27.59 -12.32
CA ASN A 90 -7.72 27.76 -13.20
C ASN A 90 -8.85 26.81 -12.83
N LYS A 91 -8.73 26.16 -11.67
CA LYS A 91 -9.80 25.32 -11.12
C LYS A 91 -10.11 25.75 -9.70
N THR A 92 -11.33 25.45 -9.28
CA THR A 92 -11.84 25.68 -7.97
C THR A 92 -12.37 24.34 -7.40
N PRO A 93 -11.81 23.82 -6.29
CA PRO A 93 -10.58 24.27 -5.69
C PRO A 93 -9.37 24.10 -6.63
N HIS A 94 -8.32 24.82 -6.31
CA HIS A 94 -7.11 24.68 -7.12
C HIS A 94 -6.69 23.19 -7.15
N ALA A 95 -6.23 22.73 -8.29
CA ALA A 95 -5.98 21.31 -8.52
C ALA A 95 -4.49 21.02 -8.31
N ILE A 96 -4.22 19.94 -7.56
CA ILE A 96 -2.85 19.58 -7.26
C ILE A 96 -2.11 18.94 -8.43
N ALA A 97 -0.95 19.53 -8.73
CA ALA A 97 0.02 19.03 -9.69
C ALA A 97 1.19 18.32 -8.99
N ALA A 98 1.63 18.87 -7.87
CA ALA A 98 2.76 18.28 -7.15
C ALA A 98 2.70 18.68 -5.70
N ILE A 99 3.40 17.92 -4.86
CA ILE A 99 3.50 18.19 -3.44
C ILE A 99 4.95 18.01 -2.97
N SER A 100 5.37 18.80 -2.02
CA SER A 100 6.62 18.53 -1.34
C SER A 100 6.35 18.47 0.14
N MET A 101 7.05 17.54 0.77
CA MET A 101 6.95 17.23 2.18
CA MET A 101 6.96 17.29 2.20
C MET A 101 8.32 17.40 2.82
N ALA A 102 8.37 18.09 3.95
CA ALA A 102 9.57 18.23 4.71
C ALA A 102 9.10 18.47 6.15
N ASN A 103 9.82 17.93 7.12
CA ASN A 103 9.36 17.92 8.54
C ASN A 103 9.39 19.33 9.12
N THR B 1 24.10 -13.60 -9.61
CA THR B 1 23.22 -12.64 -8.91
C THR B 1 23.96 -11.97 -7.79
N PRO B 2 23.87 -10.63 -7.74
CA PRO B 2 24.64 -9.95 -6.71
C PRO B 2 23.98 -10.11 -5.34
N GLN B 3 24.78 -9.96 -4.30
CA GLN B 3 24.28 -10.10 -2.93
C GLN B 3 24.21 -8.83 -2.10
N ASN B 4 24.55 -7.71 -2.71
CA ASN B 4 24.52 -6.44 -2.05
C ASN B 4 24.47 -5.35 -3.16
N ILE B 5 24.18 -4.15 -2.70
CA ILE B 5 23.94 -3.03 -3.62
C ILE B 5 25.21 -2.59 -4.36
N THR B 6 26.34 -2.72 -3.73
CA THR B 6 27.60 -2.30 -4.33
C THR B 6 27.94 -3.21 -5.53
N ASP B 7 27.78 -4.49 -5.31
CA ASP B 7 28.03 -5.45 -6.39
C ASP B 7 26.99 -5.33 -7.50
N LEU B 8 25.74 -5.07 -7.14
CA LEU B 8 24.71 -4.85 -8.13
CA LEU B 8 24.68 -4.82 -8.12
C LEU B 8 25.06 -3.62 -8.99
N CYS B 9 25.44 -2.55 -8.33
CA CYS B 9 25.75 -1.33 -9.02
CA CYS B 9 25.80 -1.31 -9.01
C CYS B 9 26.93 -1.51 -10.00
N ALA B 10 27.89 -2.36 -9.63
CA ALA B 10 29.05 -2.68 -10.45
C ALA B 10 28.70 -3.47 -11.72
N GLU B 11 27.47 -3.95 -11.86
CA GLU B 11 27.04 -4.64 -13.07
CA GLU B 11 27.03 -4.64 -13.06
C GLU B 11 26.63 -3.67 -14.17
N TYR B 12 26.55 -2.38 -13.87
CA TYR B 12 26.03 -1.40 -14.83
C TYR B 12 27.09 -0.35 -15.12
N HIS B 13 27.12 0.15 -16.34
CA HIS B 13 27.96 1.29 -16.64
C HIS B 13 27.22 2.57 -16.28
N ASN B 14 27.99 3.64 -16.08
CA ASN B 14 27.44 4.95 -15.78
C ASN B 14 26.71 5.02 -14.45
N THR B 15 27.09 4.18 -13.51
CA THR B 15 26.57 4.27 -12.15
C THR B 15 27.62 4.54 -11.09
N GLN B 16 27.18 4.94 -9.91
CA GLN B 16 28.05 4.89 -8.77
C GLN B 16 27.20 4.66 -7.52
N ILE B 17 27.86 4.34 -6.45
CA ILE B 17 27.26 4.30 -5.12
C ILE B 17 27.43 5.65 -4.44
N HIS B 18 26.36 6.11 -3.77
CA HIS B 18 26.50 7.15 -2.75
C HIS B 18 26.18 6.52 -1.41
N THR B 19 27.07 6.70 -0.48
CA THR B 19 26.87 6.28 0.89
C THR B 19 26.30 7.45 1.68
N LEU B 20 25.09 7.26 2.21
CA LEU B 20 24.33 8.34 2.84
C LEU B 20 24.23 8.14 4.34
N ASN B 21 23.84 6.97 4.75
CA ASN B 21 23.59 6.71 6.19
C ASN B 21 22.83 7.86 6.86
N ASP B 22 21.68 8.18 6.28
CA ASP B 22 20.82 9.25 6.79
C ASP B 22 19.44 9.04 6.27
N LYS B 23 18.48 9.59 7.02
CA LYS B 23 17.08 9.58 6.60
C LYS B 23 16.91 10.63 5.51
N ILE B 24 15.79 10.53 4.80
CA ILE B 24 15.44 11.48 3.78
C ILE B 24 14.89 12.77 4.43
N PHE B 25 15.37 13.90 3.95
CA PHE B 25 14.95 15.22 4.43
C PHE B 25 13.68 15.75 3.78
N SER B 26 13.52 15.52 2.48
CA SER B 26 12.31 15.98 1.83
CA SER B 26 12.37 16.06 1.74
C SER B 26 11.96 15.05 0.68
N TYR B 27 10.67 14.93 0.44
CA TYR B 27 10.08 14.09 -0.57
C TYR B 27 9.13 14.91 -1.42
N THR B 28 9.32 14.86 -2.75
CA THR B 28 8.51 15.62 -3.68
C THR B 28 7.95 14.69 -4.71
N GLU B 29 6.68 14.89 -5.03
CA GLU B 29 5.95 14.01 -5.92
C GLU B 29 5.14 14.85 -6.88
N SER B 30 5.18 14.52 -8.17
CA SER B 30 4.43 15.22 -9.19
C SER B 30 3.63 14.28 -10.04
N LEU B 31 2.38 14.67 -10.35
CA LEU B 31 1.53 13.96 -11.31
C LEU B 31 1.42 14.73 -12.63
N ALA B 32 2.12 15.86 -12.76
CA ALA B 32 2.01 16.71 -13.96
C ALA B 32 2.58 15.99 -15.19
N GLY B 33 2.01 16.27 -16.36
CA GLY B 33 2.24 15.39 -17.52
C GLY B 33 3.67 15.45 -18.00
N LYS B 34 4.23 14.27 -18.31
CA LYS B 34 5.68 14.07 -18.56
C LYS B 34 6.64 14.28 -17.39
N ARG B 35 6.13 14.65 -16.22
CA ARG B 35 6.96 14.72 -15.00
C ARG B 35 6.39 13.83 -13.91
N GLU B 36 5.95 12.64 -14.29
CA GLU B 36 5.33 11.75 -13.26
C GLU B 36 6.47 11.09 -12.54
N MET B 37 6.85 11.69 -11.42
CA MET B 37 8.11 11.33 -10.77
C MET B 37 8.18 11.76 -9.32
N ALA B 38 9.26 11.30 -8.68
CA ALA B 38 9.52 11.53 -7.31
C ALA B 38 10.96 11.97 -7.18
N ILE B 39 11.17 12.91 -6.28
CA ILE B 39 12.44 13.50 -5.98
C ILE B 39 12.64 13.45 -4.49
N ILE B 40 13.83 13.06 -4.03
CA ILE B 40 14.20 13.14 -2.62
C ILE B 40 15.43 13.96 -2.41
N THR B 41 15.52 14.60 -1.25
CA THR B 41 16.72 15.36 -0.87
CA THR B 41 16.76 15.28 -0.86
C THR B 41 17.17 14.90 0.53
N PHE B 42 18.48 14.94 0.76
CA PHE B 42 19.07 14.67 2.07
C PHE B 42 19.52 15.99 2.68
N LYS B 43 19.45 16.02 4.02
CA LYS B 43 19.71 17.25 4.72
C LYS B 43 21.17 17.66 4.47
N ASN B 44 21.34 18.90 4.09
CA ASN B 44 22.66 19.45 3.75
CA ASN B 44 22.67 19.44 3.76
C ASN B 44 23.40 18.59 2.72
N GLY B 45 22.62 17.98 1.83
CA GLY B 45 23.14 17.01 0.90
C GLY B 45 22.43 17.07 -0.41
N ALA B 46 22.54 15.99 -1.12
CA ALA B 46 22.14 15.91 -2.49
C ALA B 46 20.67 15.59 -2.70
N THR B 47 20.26 15.79 -3.95
CA THR B 47 18.94 15.47 -4.47
C THR B 47 19.06 14.32 -5.44
N PHE B 48 18.05 13.44 -5.42
CA PHE B 48 18.01 12.29 -6.31
C PHE B 48 16.62 12.14 -6.89
N GLN B 49 16.54 11.54 -8.07
CA GLN B 49 15.24 11.35 -8.73
C GLN B 49 14.98 9.91 -9.05
N VAL B 50 13.70 9.54 -9.20
CA VAL B 50 13.31 8.31 -9.89
C VAL B 50 12.84 8.75 -11.25
N GLU B 51 13.50 8.31 -12.28
CA GLU B 51 13.07 8.75 -13.61
C GLU B 51 11.63 8.42 -14.01
N VAL B 52 11.06 9.31 -14.83
CA VAL B 52 9.80 9.03 -15.55
C VAL B 52 10.04 7.80 -16.43
N PRO B 53 9.11 6.80 -16.42
CA PRO B 53 9.33 5.69 -17.38
C PRO B 53 9.33 6.23 -18.84
N GLY B 54 10.17 5.66 -19.72
CA GLY B 54 10.37 6.17 -21.09
C GLY B 54 10.99 5.15 -22.06
N SER B 55 11.92 5.64 -22.90
CA SER B 55 12.64 4.79 -23.88
C SER B 55 13.59 3.79 -23.21
N GLN B 56 14.51 4.31 -22.38
CA GLN B 56 15.61 3.50 -21.76
C GLN B 56 15.19 2.54 -20.61
N HIS B 57 13.88 2.49 -20.30
CA HIS B 57 13.31 1.50 -19.37
C HIS B 57 12.59 0.38 -20.12
N ILE B 58 13.07 -0.87 -19.95
CA ILE B 58 12.39 -2.08 -20.47
C ILE B 58 11.12 -2.39 -19.64
N ASP B 59 10.28 -3.34 -20.08
CA ASP B 59 8.91 -3.46 -19.53
C ASP B 59 8.74 -3.96 -18.07
N SER B 60 9.51 -4.96 -17.63
CA SER B 60 9.54 -5.44 -16.18
C SER B 60 9.92 -4.32 -15.15
N GLN B 61 10.59 -3.33 -15.70
CA GLN B 61 10.97 -2.17 -14.94
C GLN B 61 9.78 -1.29 -14.59
N LYS B 62 8.65 -1.32 -15.31
CA LYS B 62 7.57 -0.39 -15.02
CA LYS B 62 7.53 -0.40 -15.01
C LYS B 62 7.08 -0.60 -13.57
N LYS B 63 6.85 -1.84 -13.18
CA LYS B 63 6.45 -2.13 -11.82
C LYS B 63 7.54 -1.76 -10.81
N ALA B 64 8.79 -2.04 -11.18
CA ALA B 64 9.85 -1.69 -10.26
C ALA B 64 9.99 -0.19 -10.06
N ILE B 65 9.73 0.59 -11.09
CA ILE B 65 9.75 2.03 -10.97
C ILE B 65 8.66 2.50 -10.00
N GLU B 66 7.47 1.96 -10.13
CA GLU B 66 6.37 2.32 -9.21
C GLU B 66 6.73 1.93 -7.78
N ARG B 67 7.29 0.75 -7.64
CA ARG B 67 7.69 0.25 -6.31
C ARG B 67 8.72 1.19 -5.67
N MET B 68 9.72 1.62 -6.47
CA MET B 68 10.73 2.48 -5.92
C MET B 68 10.15 3.78 -5.39
N LYS B 69 9.20 4.34 -6.13
CA LYS B 69 8.55 5.57 -5.66
C LYS B 69 7.78 5.33 -4.37
N ASP B 70 7.14 4.17 -4.27
CA ASP B 70 6.45 3.76 -3.02
C ASP B 70 7.47 3.63 -1.87
N THR B 71 8.61 3.01 -2.14
CA THR B 71 9.67 2.84 -1.14
C THR B 71 10.20 4.17 -0.63
N LEU B 72 10.43 5.11 -1.54
CA LEU B 72 10.96 6.40 -1.10
C LEU B 72 9.97 7.14 -0.23
N ARG B 73 8.71 7.07 -0.59
CA ARG B 73 7.67 7.74 0.22
C ARG B 73 7.61 7.15 1.63
N ILE B 74 7.53 5.82 1.72
CA ILE B 74 7.42 5.20 3.07
C ILE B 74 8.68 5.33 3.89
N ALA B 75 9.82 5.29 3.20
CA ALA B 75 11.06 5.60 3.92
C ALA B 75 11.06 6.98 4.48
N TYR B 76 10.65 7.97 3.69
CA TYR B 76 10.59 9.37 4.14
C TYR B 76 9.67 9.47 5.35
N LEU B 77 8.47 8.92 5.25
CA LEU B 77 7.45 9.11 6.31
C LEU B 77 7.89 8.41 7.59
N THR B 78 8.47 7.22 7.46
CA THR B 78 8.90 6.45 8.65
C THR B 78 10.24 6.90 9.18
N GLU B 79 10.99 7.72 8.43
CA GLU B 79 12.26 8.28 8.86
C GLU B 79 13.32 7.21 8.96
N ALA B 80 13.21 6.21 8.08
CA ALA B 80 14.21 5.16 8.00
C ALA B 80 15.52 5.65 7.39
N LYS B 81 16.62 5.24 7.97
CA LYS B 81 17.94 5.61 7.40
CA LYS B 81 17.95 5.57 7.46
C LYS B 81 18.17 4.88 6.12
N VAL B 82 18.55 5.65 5.11
CA VAL B 82 19.01 5.11 3.85
C VAL B 82 20.50 4.87 4.02
N GLU B 83 20.94 3.68 3.66
CA GLU B 83 22.35 3.32 3.76
C GLU B 83 23.05 3.84 2.51
N LYS B 84 22.68 3.29 1.35
CA LYS B 84 23.32 3.62 0.08
CA LYS B 84 23.32 3.63 0.09
C LYS B 84 22.29 3.75 -1.02
N LEU B 85 22.62 4.57 -2.02
CA LEU B 85 21.92 4.54 -3.29
C LEU B 85 22.89 4.13 -4.37
N CYS B 86 22.42 3.33 -5.31
CA CYS B 86 23.11 3.12 -6.58
C CYS B 86 22.41 4.03 -7.55
N VAL B 87 23.15 4.92 -8.21
CA VAL B 87 22.58 5.86 -9.13
C VAL B 87 23.29 5.91 -10.47
N TRP B 88 22.55 6.30 -11.48
CA TRP B 88 23.13 6.76 -12.73
C TRP B 88 23.57 8.17 -12.50
N ASN B 89 24.85 8.41 -12.73
CA ASN B 89 25.44 9.70 -12.41
C ASN B 89 25.77 10.57 -13.60
N ASN B 90 25.20 10.27 -14.75
CA ASN B 90 25.42 11.11 -15.99
C ASN B 90 24.63 12.41 -16.10
N LYS B 91 23.72 12.70 -15.15
N LYS B 91 23.56 12.51 -15.32
CA LYS B 91 22.99 13.97 -15.09
CA LYS B 91 22.60 13.59 -15.47
C LYS B 91 22.75 14.38 -13.64
C LYS B 91 22.10 13.94 -14.10
N THR B 92 22.45 15.66 -13.39
N THR B 92 21.68 15.18 -13.97
CA THR B 92 21.97 16.12 -12.08
CA THR B 92 21.41 15.70 -12.67
C THR B 92 20.40 16.33 -12.20
C THR B 92 19.95 15.92 -12.50
N PRO B 93 19.51 15.79 -11.26
CA PRO B 93 20.04 15.03 -10.11
C PRO B 93 20.23 13.55 -10.48
N HIS B 94 21.16 12.92 -9.77
CA HIS B 94 21.46 11.52 -10.07
C HIS B 94 20.18 10.68 -9.94
N ALA B 95 20.04 9.67 -10.82
CA ALA B 95 18.84 8.88 -10.96
C ALA B 95 18.99 7.57 -10.23
N ILE B 96 18.03 7.23 -9.38
CA ILE B 96 18.11 6.03 -8.57
C ILE B 96 17.91 4.75 -9.34
N ALA B 97 18.86 3.82 -9.24
CA ALA B 97 18.78 2.46 -9.75
C ALA B 97 18.45 1.48 -8.64
N ALA B 98 18.96 1.71 -7.45
CA ALA B 98 18.72 0.80 -6.29
C ALA B 98 18.92 1.57 -5.02
N ILE B 99 18.33 1.05 -3.93
CA ILE B 99 18.43 1.63 -2.60
C ILE B 99 18.72 0.53 -1.59
N SER B 100 19.55 0.81 -0.61
CA SER B 100 19.69 -0.08 0.54
C SER B 100 19.36 0.70 1.80
N MET B 101 18.72 0.02 2.72
CA MET B 101 18.33 0.56 4.03
CA MET B 101 18.42 0.58 4.03
C MET B 101 18.93 -0.34 5.10
N ALA B 102 19.58 0.27 6.10
CA ALA B 102 20.15 -0.47 7.19
C ALA B 102 20.30 0.61 8.25
N ASN B 103 20.25 0.18 9.49
CA ASN B 103 20.88 1.04 10.53
C ASN B 103 22.37 0.79 10.81
N THR C 1 -3.66 -29.42 2.65
CA THR C 1 -3.14 -28.04 2.69
C THR C 1 -2.29 -27.89 3.92
N PRO C 2 -1.09 -27.27 3.78
CA PRO C 2 -0.25 -27.08 4.94
C PRO C 2 -0.80 -26.07 5.96
N GLN C 3 -0.48 -26.31 7.22
CA GLN C 3 -0.86 -25.39 8.30
C GLN C 3 0.26 -24.57 8.87
N ASN C 4 1.45 -24.73 8.30
CA ASN C 4 2.60 -23.96 8.73
C ASN C 4 3.66 -23.97 7.62
N ILE C 5 4.63 -23.10 7.78
CA ILE C 5 5.67 -22.90 6.77
C ILE C 5 6.57 -24.12 6.52
N THR C 6 6.85 -24.88 7.58
CA THR C 6 7.73 -26.03 7.48
C THR C 6 7.07 -27.11 6.61
N ASP C 7 5.78 -27.35 6.81
CA ASP C 7 5.09 -28.35 5.99
C ASP C 7 4.94 -27.89 4.56
N LEU C 8 4.71 -26.60 4.36
CA LEU C 8 4.60 -26.06 3.01
C LEU C 8 5.93 -26.23 2.28
N CYS C 9 7.02 -25.87 2.97
CA CYS C 9 8.32 -25.90 2.36
CA CYS C 9 8.37 -25.93 2.42
C CYS C 9 8.65 -27.32 1.88
N ALA C 10 8.26 -28.31 2.67
CA ALA C 10 8.49 -29.73 2.35
C ALA C 10 7.78 -30.22 1.11
N GLU C 11 6.81 -29.47 0.58
CA GLU C 11 6.14 -29.80 -0.70
C GLU C 11 6.94 -29.51 -1.97
N TYR C 12 8.10 -28.86 -1.83
CA TYR C 12 8.90 -28.42 -2.97
C TYR C 12 10.23 -29.10 -2.95
N HIS C 13 10.87 -29.06 -4.10
CA HIS C 13 12.22 -29.63 -4.16
CA HIS C 13 12.21 -29.60 -4.36
C HIS C 13 13.22 -28.49 -4.04
N ASN C 14 14.41 -28.84 -3.56
CA ASN C 14 15.54 -27.92 -3.41
C ASN C 14 15.23 -26.79 -2.45
N THR C 15 14.43 -27.07 -1.44
CA THR C 15 14.06 -26.01 -0.46
C THR C 15 14.51 -26.43 0.91
N GLN C 16 14.63 -25.44 1.80
CA GLN C 16 14.98 -25.62 3.18
C GLN C 16 14.44 -24.46 3.99
N ILE C 17 14.25 -24.70 5.26
CA ILE C 17 13.86 -23.70 6.22
C ILE C 17 15.09 -23.13 6.87
N HIS C 18 15.20 -21.80 6.86
CA HIS C 18 16.13 -21.09 7.73
C HIS C 18 15.36 -20.44 8.85
N THR C 19 15.78 -20.69 10.08
CA THR C 19 15.13 -20.10 11.25
C THR C 19 15.98 -18.91 11.67
N LEU C 20 15.39 -17.73 11.62
CA LEU C 20 16.09 -16.50 11.95
C LEU C 20 15.66 -15.97 13.32
N ASN C 21 14.36 -15.93 13.60
CA ASN C 21 13.84 -15.27 14.82
C ASN C 21 14.48 -13.94 15.09
N ASP C 22 14.50 -13.10 14.07
CA ASP C 22 15.21 -11.83 14.17
C ASP C 22 14.62 -10.86 13.18
N LYS C 23 14.79 -9.57 13.45
CA LYS C 23 14.40 -8.56 12.45
C LYS C 23 15.39 -8.59 11.30
N ILE C 24 14.95 -8.04 10.18
CA ILE C 24 15.82 -7.90 9.00
C ILE C 24 16.87 -6.80 9.28
N PHE C 25 18.15 -7.09 8.95
CA PHE C 25 19.24 -6.16 9.17
C PHE C 25 19.34 -5.14 8.06
N SER C 26 19.16 -5.59 6.82
CA SER C 26 19.14 -4.63 5.72
C SER C 26 18.19 -5.07 4.63
N TYR C 27 17.64 -4.08 3.94
CA TYR C 27 16.70 -4.26 2.84
CA TYR C 27 16.71 -4.27 2.84
C TYR C 27 17.24 -3.49 1.63
N THR C 28 17.39 -4.19 0.51
CA THR C 28 17.87 -3.60 -0.74
C THR C 28 16.89 -3.90 -1.83
N GLU C 29 16.57 -2.87 -2.62
CA GLU C 29 15.71 -3.07 -3.75
CA GLU C 29 15.61 -2.91 -3.70
C GLU C 29 16.26 -2.33 -4.96
N SER C 30 16.07 -2.97 -6.11
CA SER C 30 16.61 -2.49 -7.39
C SER C 30 15.54 -2.43 -8.46
N LEU C 31 15.54 -1.35 -9.22
CA LEU C 31 14.78 -1.23 -10.45
C LEU C 31 15.62 -1.39 -11.72
N ALA C 32 16.91 -1.70 -11.59
CA ALA C 32 17.82 -1.76 -12.74
C ALA C 32 17.47 -2.95 -13.64
N GLY C 33 17.66 -2.77 -14.95
CA GLY C 33 17.14 -3.73 -15.92
C GLY C 33 17.74 -5.09 -15.71
N LYS C 34 16.87 -6.09 -15.69
CA LYS C 34 17.23 -7.49 -15.44
C LYS C 34 17.58 -7.81 -14.00
N ARG C 35 17.54 -6.81 -13.12
CA ARG C 35 17.81 -7.03 -11.71
C ARG C 35 16.69 -6.36 -10.89
N GLU C 36 15.44 -6.56 -11.33
CA GLU C 36 14.27 -6.00 -10.62
C GLU C 36 13.97 -6.97 -9.49
N MET C 37 14.57 -6.73 -8.34
CA MET C 37 14.68 -7.73 -7.27
C MET C 37 14.79 -7.04 -5.90
N ALA C 38 14.68 -7.85 -4.85
CA ALA C 38 14.95 -7.40 -3.51
C ALA C 38 15.92 -8.37 -2.86
N ILE C 39 16.75 -7.83 -1.98
CA ILE C 39 17.72 -8.59 -1.22
C ILE C 39 17.58 -8.21 0.24
N ILE C 40 17.48 -9.20 1.14
CA ILE C 40 17.49 -8.94 2.57
C ILE C 40 18.65 -9.64 3.22
N THR C 41 19.16 -9.07 4.30
CA THR C 41 20.18 -9.70 5.11
C THR C 41 19.73 -9.66 6.57
N PHE C 42 20.34 -10.56 7.31
CA PHE C 42 20.21 -10.67 8.76
C PHE C 42 21.60 -10.45 9.38
N LYS C 43 21.62 -10.10 10.67
CA LYS C 43 22.89 -9.75 11.33
C LYS C 43 23.89 -10.89 11.39
N ASN C 44 23.42 -12.12 11.25
CA ASN C 44 24.32 -13.27 11.16
C ASN C 44 24.96 -13.45 9.78
N GLY C 45 24.67 -12.56 8.82
CA GLY C 45 25.22 -12.68 7.47
C GLY C 45 24.32 -13.39 6.48
N ALA C 46 23.22 -14.01 6.94
CA ALA C 46 22.32 -14.71 6.04
C ALA C 46 21.80 -13.68 5.05
N THR C 47 21.81 -14.02 3.77
CA THR C 47 21.36 -13.14 2.70
C THR C 47 20.40 -13.90 1.82
N PHE C 48 19.29 -13.28 1.48
CA PHE C 48 18.24 -13.91 0.70
C PHE C 48 17.74 -12.97 -0.37
N GLN C 49 17.19 -13.50 -1.47
CA GLN C 49 16.59 -12.67 -2.51
C GLN C 49 15.15 -13.01 -2.77
N VAL C 50 14.40 -12.05 -3.32
CA VAL C 50 13.21 -12.35 -4.07
C VAL C 50 13.66 -12.24 -5.53
N GLU C 51 13.57 -13.35 -6.25
CA GLU C 51 14.11 -13.43 -7.61
C GLU C 51 13.42 -12.50 -8.55
N VAL C 52 14.19 -12.09 -9.57
CA VAL C 52 13.63 -11.43 -10.74
C VAL C 52 12.64 -12.38 -11.39
N PRO C 53 11.44 -11.91 -11.72
CA PRO C 53 10.50 -12.85 -12.36
C PRO C 53 11.09 -13.37 -13.68
N GLY C 54 10.86 -14.65 -13.96
CA GLY C 54 11.56 -15.34 -15.03
C GLY C 54 10.78 -16.58 -15.44
N SER C 55 11.49 -17.39 -16.21
CA SER C 55 10.89 -18.60 -16.81
CA SER C 55 10.92 -18.60 -16.82
C SER C 55 10.48 -19.64 -15.79
N GLN C 56 11.00 -19.54 -14.58
CA GLN C 56 10.70 -20.44 -13.46
CA GLN C 56 10.65 -20.49 -13.51
C GLN C 56 9.42 -20.03 -12.72
N HIS C 57 8.74 -18.99 -13.16
CA HIS C 57 7.56 -18.53 -12.48
C HIS C 57 6.37 -18.67 -13.40
N ILE C 58 5.20 -18.83 -12.83
CA ILE C 58 3.95 -18.86 -13.56
C ILE C 58 3.10 -17.67 -13.21
N ASP C 59 2.05 -17.46 -14.01
CA ASP C 59 1.18 -16.31 -13.83
C ASP C 59 0.55 -16.22 -12.44
N SER C 60 0.22 -17.35 -11.84
CA SER C 60 -0.43 -17.30 -10.54
C SER C 60 0.53 -16.85 -9.46
N GLN C 61 1.85 -16.83 -9.72
CA GLN C 61 2.85 -16.32 -8.78
C GLN C 61 3.12 -14.84 -8.88
N LYS C 62 2.71 -14.19 -9.95
CA LYS C 62 3.10 -12.78 -10.19
C LYS C 62 2.70 -11.83 -9.07
N LYS C 63 1.45 -11.90 -8.65
CA LYS C 63 0.98 -11.05 -7.56
C LYS C 63 1.69 -11.44 -6.28
N ALA C 64 1.96 -12.73 -6.09
CA ALA C 64 2.58 -13.17 -4.84
C ALA C 64 4.02 -12.69 -4.73
N ILE C 65 4.74 -12.69 -5.84
CA ILE C 65 6.07 -12.13 -5.85
C ILE C 65 6.06 -10.64 -5.45
N GLU C 66 5.14 -9.87 -6.00
CA GLU C 66 5.04 -8.45 -5.68
C GLU C 66 4.66 -8.31 -4.19
N ARG C 67 3.74 -9.14 -3.74
CA ARG C 67 3.35 -9.13 -2.33
C ARG C 67 4.51 -9.42 -1.41
N MET C 68 5.35 -10.36 -1.77
CA MET C 68 6.47 -10.70 -0.89
C MET C 68 7.42 -9.53 -0.75
N LYS C 69 7.69 -8.85 -1.86
CA LYS C 69 8.55 -7.65 -1.76
C LYS C 69 7.88 -6.57 -0.91
N ASP C 70 6.55 -6.42 -0.99
CA ASP C 70 5.85 -5.48 -0.12
C ASP C 70 6.04 -5.92 1.34
N THR C 71 5.87 -7.20 1.60
CA THR C 71 5.95 -7.70 2.99
C THR C 71 7.36 -7.51 3.57
N LEU C 72 8.41 -7.79 2.78
CA LEU C 72 9.75 -7.60 3.28
C LEU C 72 10.06 -6.13 3.58
N ARG C 73 9.64 -5.23 2.71
CA ARG C 73 9.86 -3.81 2.93
C ARG C 73 9.23 -3.39 4.22
N ILE C 74 7.97 -3.71 4.41
CA ILE C 74 7.30 -3.20 5.63
CA ILE C 74 7.25 -3.26 5.62
C ILE C 74 7.82 -3.95 6.87
N ALA C 75 8.11 -5.23 6.79
CA ALA C 75 8.79 -5.93 7.92
C ALA C 75 10.09 -5.23 8.29
N TYR C 76 10.89 -4.91 7.25
CA TYR C 76 12.18 -4.23 7.51
C TYR C 76 11.92 -2.91 8.25
N LEU C 77 11.05 -2.09 7.71
CA LEU C 77 10.89 -0.72 8.21
C LEU C 77 10.32 -0.70 9.59
N THR C 78 9.50 -1.67 9.92
CA THR C 78 8.84 -1.73 11.24
C THR C 78 9.65 -2.53 12.24
N GLU C 79 10.77 -3.15 11.83
CA GLU C 79 11.56 -4.06 12.66
CA GLU C 79 11.57 -4.07 12.65
C GLU C 79 10.78 -5.28 13.11
N ALA C 80 9.90 -5.76 12.25
CA ALA C 80 9.14 -6.96 12.57
C ALA C 80 10.00 -8.20 12.58
N LYS C 81 9.88 -9.00 13.62
CA LYS C 81 10.61 -10.22 13.72
C LYS C 81 10.21 -11.26 12.64
N VAL C 82 11.18 -11.75 11.88
CA VAL C 82 11.01 -12.85 10.96
C VAL C 82 11.30 -14.13 11.72
N GLU C 83 10.34 -15.06 11.71
CA GLU C 83 10.54 -16.35 12.36
C GLU C 83 11.33 -17.27 11.45
N LYS C 84 10.72 -17.67 10.34
CA LYS C 84 11.36 -18.56 9.39
C LYS C 84 11.23 -18.09 7.95
N LEU C 85 12.19 -18.49 7.13
CA LEU C 85 12.08 -18.37 5.68
C LEU C 85 12.19 -19.77 5.07
N CYS C 86 11.31 -20.03 4.12
CA CYS C 86 11.45 -21.20 3.22
C CYS C 86 12.14 -20.67 1.98
N VAL C 87 13.25 -21.28 1.60
CA VAL C 87 14.05 -20.78 0.50
C VAL C 87 14.44 -21.91 -0.45
N TRP C 88 14.64 -21.55 -1.71
CA TRP C 88 15.29 -22.47 -2.67
C TRP C 88 16.78 -22.35 -2.50
N ASN C 89 17.43 -23.49 -2.30
CA ASN C 89 18.84 -23.52 -1.98
C ASN C 89 19.72 -23.75 -3.21
N ASN C 90 19.10 -23.75 -4.38
CA ASN C 90 19.80 -23.86 -5.67
C ASN C 90 19.93 -22.52 -6.40
N LYS C 91 19.82 -21.43 -5.63
CA LYS C 91 20.08 -20.07 -6.09
C LYS C 91 21.00 -19.43 -5.09
N THR C 92 21.81 -18.49 -5.56
CA THR C 92 22.71 -17.74 -4.72
C THR C 92 22.44 -16.23 -4.99
N PRO C 93 22.03 -15.45 -3.99
CA PRO C 93 21.65 -15.90 -2.65
C PRO C 93 20.39 -16.78 -2.69
N HIS C 94 20.16 -17.55 -1.63
CA HIS C 94 18.96 -18.38 -1.62
C HIS C 94 17.71 -17.56 -1.84
N ALA C 95 16.79 -18.13 -2.59
CA ALA C 95 15.62 -17.43 -3.05
C ALA C 95 14.41 -17.70 -2.17
N ILE C 96 13.71 -16.65 -1.75
CA ILE C 96 12.59 -16.82 -0.84
C ILE C 96 11.36 -17.39 -1.55
N ALA C 97 10.82 -18.46 -0.94
CA ALA C 97 9.53 -19.03 -1.32
C ALA C 97 8.39 -18.66 -0.33
N ALA C 98 8.73 -18.58 0.95
CA ALA C 98 7.70 -18.24 1.94
C ALA C 98 8.36 -17.62 3.19
N ILE C 99 7.56 -16.90 3.96
CA ILE C 99 8.04 -16.27 5.19
C ILE C 99 7.01 -16.51 6.29
N SER C 100 7.49 -16.64 7.54
CA SER C 100 6.64 -16.57 8.69
C SER C 100 7.15 -15.54 9.66
N MET C 101 6.21 -14.87 10.28
CA MET C 101 6.50 -13.81 11.27
CA MET C 101 6.46 -13.79 11.24
C MET C 101 5.72 -14.17 12.52
N ALA C 102 6.38 -14.10 13.68
CA ALA C 102 5.71 -14.30 14.97
C ALA C 102 6.57 -13.67 16.07
N ASN C 103 5.93 -13.11 17.09
CA ASN C 103 6.63 -12.61 18.29
C ASN C 103 6.56 -13.67 19.38
N THR D 1 -29.02 -7.36 2.44
CA THR D 1 -27.55 -7.20 2.68
C THR D 1 -27.34 -7.28 4.18
N PRO D 2 -26.35 -8.07 4.59
CA PRO D 2 -26.13 -8.18 6.04
C PRO D 2 -25.51 -6.94 6.64
N GLN D 3 -25.67 -6.77 7.95
CA GLN D 3 -25.12 -5.63 8.66
C GLN D 3 -24.01 -5.95 9.64
N ASN D 4 -23.68 -7.23 9.72
CA ASN D 4 -22.60 -7.70 10.60
C ASN D 4 -22.08 -9.02 10.10
N ILE D 5 -20.96 -9.45 10.63
CA ILE D 5 -20.29 -10.63 10.17
C ILE D 5 -21.07 -11.92 10.43
N THR D 6 -21.79 -11.92 11.53
CA THR D 6 -22.47 -13.14 11.95
C THR D 6 -23.65 -13.44 10.99
N ASP D 7 -24.34 -12.39 10.60
CA ASP D 7 -25.43 -12.52 9.62
C ASP D 7 -24.91 -12.79 8.24
N LEU D 8 -23.78 -12.19 7.87
CA LEU D 8 -23.15 -12.53 6.62
C LEU D 8 -22.78 -14.00 6.55
N CYS D 9 -22.19 -14.49 7.63
CA CYS D 9 -21.71 -15.83 7.69
CA CYS D 9 -21.72 -15.87 7.77
C CYS D 9 -22.88 -16.83 7.56
N ALA D 10 -24.00 -16.46 8.14
CA ALA D 10 -25.17 -17.35 8.08
C ALA D 10 -25.79 -17.51 6.68
N GLU D 11 -25.41 -16.66 5.73
CA GLU D 11 -25.89 -16.77 4.32
C GLU D 11 -25.26 -17.90 3.53
N TYR D 12 -24.23 -18.56 4.07
CA TYR D 12 -23.43 -19.55 3.37
C TYR D 12 -23.57 -20.89 4.04
N HIS D 13 -23.44 -21.94 3.25
CA HIS D 13 -23.34 -23.29 3.78
C HIS D 13 -21.89 -23.53 4.23
N ASN D 14 -21.75 -24.42 5.22
CA ASN D 14 -20.48 -24.90 5.72
C ASN D 14 -19.58 -23.77 6.31
N THR D 15 -20.20 -22.77 6.89
CA THR D 15 -19.45 -21.71 7.55
C THR D 15 -19.78 -21.61 9.02
N GLN D 16 -18.87 -20.99 9.77
CA GLN D 16 -19.14 -20.73 11.17
C GLN D 16 -18.28 -19.56 11.62
N ILE D 17 -18.73 -18.95 12.71
CA ILE D 17 -17.99 -17.84 13.29
C ILE D 17 -17.08 -18.33 14.39
N HIS D 18 -15.80 -17.99 14.30
CA HIS D 18 -14.88 -18.12 15.42
C HIS D 18 -14.68 -16.79 16.08
N THR D 19 -14.88 -16.73 17.39
CA THR D 19 -14.71 -15.52 18.16
C THR D 19 -13.34 -15.59 18.82
N LEU D 20 -12.45 -14.66 18.45
CA LEU D 20 -11.06 -14.68 18.93
C LEU D 20 -10.83 -13.57 19.92
N ASN D 21 -11.24 -12.37 19.60
CA ASN D 21 -10.94 -11.18 20.41
C ASN D 21 -9.47 -11.15 20.83
N ASP D 22 -8.58 -11.29 19.86
CA ASP D 22 -7.15 -11.44 20.14
C ASP D 22 -6.38 -10.97 18.92
N LYS D 23 -5.13 -10.52 19.15
CA LYS D 23 -4.24 -10.26 18.01
C LYS D 23 -3.87 -11.57 17.33
N ILE D 24 -3.40 -11.44 16.11
CA ILE D 24 -2.82 -12.57 15.39
C ILE D 24 -1.46 -12.93 15.94
N PHE D 25 -1.26 -14.21 16.21
CA PHE D 25 0.00 -14.69 16.73
C PHE D 25 1.09 -14.86 15.66
N SER D 26 0.71 -15.43 14.52
CA SER D 26 1.70 -15.60 13.46
C SER D 26 1.07 -15.38 12.11
N TYR D 27 1.87 -14.86 11.19
CA TYR D 27 1.46 -14.57 9.83
C TYR D 27 2.48 -15.23 8.93
N THR D 28 1.99 -16.01 7.97
CA THR D 28 2.82 -16.76 7.03
C THR D 28 2.28 -16.53 5.60
N GLU D 29 3.16 -16.20 4.66
CA GLU D 29 2.73 -16.05 3.28
C GLU D 29 3.75 -16.73 2.38
N SER D 30 3.20 -17.23 1.28
CA SER D 30 3.98 -18.00 0.31
C SER D 30 3.77 -17.52 -1.10
N LEU D 31 4.85 -17.51 -1.87
CA LEU D 31 4.77 -17.26 -3.33
C LEU D 31 5.04 -18.53 -4.15
N ALA D 32 5.20 -19.65 -3.47
CA ALA D 32 5.55 -20.92 -4.17
C ALA D 32 4.35 -21.30 -5.07
N GLY D 33 4.65 -21.83 -6.26
CA GLY D 33 3.60 -22.10 -7.24
C GLY D 33 2.60 -23.15 -6.71
N LYS D 34 1.32 -22.84 -6.91
CA LYS D 34 0.17 -23.56 -6.32
C LYS D 34 -0.05 -23.43 -4.79
N ARG D 35 0.82 -22.67 -4.12
CA ARG D 35 0.65 -22.37 -2.70
C ARG D 35 0.77 -20.85 -2.45
N GLU D 36 0.15 -20.07 -3.31
CA GLU D 36 0.15 -18.58 -3.23
C GLU D 36 -0.96 -18.22 -2.27
N MET D 37 -0.61 -18.27 -0.98
CA MET D 37 -1.59 -18.26 0.11
C MET D 37 -1.00 -17.58 1.33
N ALA D 38 -1.89 -17.34 2.28
CA ALA D 38 -1.50 -16.93 3.64
C ALA D 38 -2.08 -17.83 4.69
N ILE D 39 -1.38 -17.95 5.80
CA ILE D 39 -1.82 -18.74 6.94
C ILE D 39 -1.64 -17.85 8.18
N ILE D 40 -2.66 -17.78 9.02
CA ILE D 40 -2.52 -17.11 10.28
C ILE D 40 -2.78 -18.06 11.42
N THR D 41 -2.17 -17.77 12.54
CA THR D 41 -2.48 -18.47 13.78
C THR D 41 -2.77 -17.53 14.91
N PHE D 42 -3.52 -18.04 15.90
CA PHE D 42 -3.68 -17.40 17.20
C PHE D 42 -3.01 -18.21 18.27
N LYS D 43 -2.77 -17.61 19.43
CA LYS D 43 -1.95 -18.28 20.45
C LYS D 43 -2.66 -19.47 21.05
N ASN D 44 -3.99 -19.55 20.92
CA ASN D 44 -4.75 -20.74 21.35
C ASN D 44 -4.62 -21.91 20.38
N GLY D 45 -3.82 -21.76 19.32
CA GLY D 45 -3.64 -22.79 18.31
C GLY D 45 -4.55 -22.70 17.10
N ALA D 46 -5.54 -21.83 17.12
CA ALA D 46 -6.43 -21.66 15.96
C ALA D 46 -5.60 -21.28 14.75
N THR D 47 -5.84 -21.97 13.64
CA THR D 47 -5.08 -21.78 12.41
C THR D 47 -6.07 -21.61 11.27
N PHE D 48 -5.85 -20.61 10.42
CA PHE D 48 -6.74 -20.30 9.35
C PHE D 48 -5.95 -20.02 8.10
N GLN D 49 -6.53 -20.29 6.93
CA GLN D 49 -5.93 -19.96 5.66
C GLN D 49 -6.73 -18.99 4.85
N VAL D 50 -6.05 -18.19 4.02
CA VAL D 50 -6.68 -17.56 2.86
C VAL D 50 -6.35 -18.49 1.69
N GLU D 51 -7.38 -19.07 1.07
CA GLU D 51 -7.11 -20.13 0.10
C GLU D 51 -6.42 -19.57 -1.14
N VAL D 52 -5.66 -20.42 -1.78
CA VAL D 52 -5.09 -20.16 -3.09
C VAL D 52 -6.27 -19.92 -4.04
N PRO D 53 -6.22 -18.88 -4.89
CA PRO D 53 -7.35 -18.62 -5.81
C PRO D 53 -7.50 -19.81 -6.79
N GLY D 54 -8.72 -20.15 -7.14
CA GLY D 54 -9.00 -21.48 -7.74
C GLY D 54 -10.42 -21.57 -8.30
N SER D 55 -10.83 -22.76 -8.74
CA SER D 55 -12.17 -22.94 -9.37
C SER D 55 -13.36 -22.71 -8.42
N GLN D 56 -13.15 -22.91 -7.11
CA GLN D 56 -14.17 -22.57 -6.07
C GLN D 56 -14.42 -21.05 -5.91
N HIS D 57 -13.61 -20.22 -6.58
CA HIS D 57 -13.75 -18.77 -6.56
C HIS D 57 -14.30 -18.22 -7.88
N ILE D 58 -15.20 -17.24 -7.76
CA ILE D 58 -15.69 -16.47 -8.91
C ILE D 58 -14.81 -15.22 -9.10
N ASP D 59 -14.91 -14.59 -10.27
CA ASP D 59 -14.01 -13.51 -10.63
C ASP D 59 -14.07 -12.32 -9.66
N SER D 60 -15.27 -12.01 -9.15
CA SER D 60 -15.43 -10.94 -8.16
C SER D 60 -14.64 -11.19 -6.86
N GLN D 61 -14.29 -12.44 -6.57
CA GLN D 61 -13.56 -12.73 -5.36
C GLN D 61 -12.05 -12.47 -5.45
N LYS D 62 -11.48 -12.33 -6.65
CA LYS D 62 -10.03 -12.28 -6.78
CA LYS D 62 -10.01 -12.26 -6.80
C LYS D 62 -9.44 -11.05 -6.07
N LYS D 63 -10.03 -9.88 -6.30
CA LYS D 63 -9.56 -8.66 -5.63
CA LYS D 63 -9.57 -8.64 -5.63
C LYS D 63 -9.76 -8.76 -4.12
N ALA D 64 -10.89 -9.33 -3.71
CA ALA D 64 -11.16 -9.49 -2.27
C ALA D 64 -10.21 -10.44 -1.58
N ILE D 65 -9.77 -11.49 -2.26
CA ILE D 65 -8.77 -12.39 -1.76
C ILE D 65 -7.43 -11.67 -1.50
N GLU D 66 -7.01 -10.86 -2.45
CA GLU D 66 -5.80 -10.07 -2.26
C GLU D 66 -5.99 -9.07 -1.14
N ARG D 67 -7.12 -8.42 -1.05
CA ARG D 67 -7.40 -7.48 0.05
CA ARG D 67 -7.35 -7.48 0.05
C ARG D 67 -7.32 -8.17 1.41
N MET D 68 -7.90 -9.38 1.52
CA MET D 68 -7.88 -10.09 2.79
C MET D 68 -6.44 -10.36 3.24
N LYS D 69 -5.55 -10.77 2.34
CA LYS D 69 -4.17 -10.96 2.70
C LYS D 69 -3.54 -9.65 3.13
N ASP D 70 -3.86 -8.57 2.44
CA ASP D 70 -3.37 -7.24 2.86
C ASP D 70 -3.83 -6.95 4.29
N THR D 71 -5.11 -7.19 4.54
CA THR D 71 -5.70 -6.91 5.85
C THR D 71 -5.03 -7.73 6.97
N LEU D 72 -4.85 -9.02 6.73
CA LEU D 72 -4.21 -9.87 7.71
C LEU D 72 -2.78 -9.42 8.03
N ARG D 73 -2.01 -9.04 7.00
CA ARG D 73 -0.63 -8.60 7.23
C ARG D 73 -0.63 -7.33 8.07
N ILE D 74 -1.45 -6.35 7.72
CA ILE D 74 -1.43 -5.12 8.50
C ILE D 74 -2.00 -5.31 9.89
N ALA D 75 -3.04 -6.11 10.04
CA ALA D 75 -3.53 -6.44 11.39
C ALA D 75 -2.43 -7.08 12.20
N TYR D 76 -1.69 -8.01 11.60
CA TYR D 76 -0.60 -8.67 12.28
C TYR D 76 0.44 -7.65 12.76
N LEU D 77 0.86 -6.80 11.84
CA LEU D 77 1.96 -5.87 12.16
C LEU D 77 1.55 -4.81 13.15
N THR D 78 0.30 -4.42 13.19
CA THR D 78 -0.20 -3.42 14.13
C THR D 78 -0.68 -4.05 15.42
N GLU D 79 -0.71 -5.39 15.47
CA GLU D 79 -1.24 -6.11 16.64
C GLU D 79 -2.66 -5.74 16.96
N ALA D 80 -3.45 -5.51 15.89
CA ALA D 80 -4.87 -5.25 16.04
C ALA D 80 -5.65 -6.47 16.53
N LYS D 81 -6.60 -6.23 17.40
CA LYS D 81 -7.45 -7.37 17.83
C LYS D 81 -8.39 -7.77 16.72
N VAL D 82 -8.40 -9.06 16.43
CA VAL D 82 -9.41 -9.68 15.56
C VAL D 82 -10.57 -10.06 16.43
N GLU D 83 -11.76 -9.57 16.09
CA GLU D 83 -12.98 -9.89 16.85
C GLU D 83 -13.43 -11.30 16.44
N LYS D 84 -13.87 -11.45 15.21
CA LYS D 84 -14.45 -12.70 14.70
C LYS D 84 -13.90 -12.99 13.31
N LEU D 85 -13.84 -14.26 12.99
CA LEU D 85 -13.61 -14.75 11.62
C LEU D 85 -14.81 -15.61 11.24
N CYS D 86 -15.33 -15.36 10.03
CA CYS D 86 -16.27 -16.28 9.35
C CYS D 86 -15.44 -17.18 8.51
N VAL D 87 -15.54 -18.49 8.73
CA VAL D 87 -14.70 -19.44 8.08
C VAL D 87 -15.50 -20.62 7.51
N TRP D 88 -14.97 -21.18 6.44
CA TRP D 88 -15.45 -22.46 5.91
C TRP D 88 -14.81 -23.58 6.75
N ASN D 89 -15.68 -24.42 7.35
CA ASN D 89 -15.29 -25.46 8.29
C ASN D 89 -15.08 -26.83 7.63
N ASN D 90 -15.25 -26.85 6.31
CA ASN D 90 -15.00 -28.05 5.51
C ASN D 90 -13.63 -28.12 4.88
N LYS D 91 -12.73 -27.22 5.32
CA LYS D 91 -11.31 -27.27 4.97
C LYS D 91 -10.44 -27.29 6.20
N THR D 92 -9.25 -27.84 6.04
CA THR D 92 -8.24 -27.88 7.05
C THR D 92 -6.98 -27.18 6.50
N PRO D 93 -6.49 -26.11 7.17
CA PRO D 93 -7.19 -25.34 8.20
C PRO D 93 -8.44 -24.68 7.66
N HIS D 94 -9.33 -24.26 8.56
CA HIS D 94 -10.52 -23.57 8.13
C HIS D 94 -10.15 -22.34 7.27
N ALA D 95 -10.92 -22.08 6.24
CA ALA D 95 -10.63 -21.03 5.25
C ALA D 95 -11.42 -19.80 5.56
N ILE D 96 -10.74 -18.65 5.51
CA ILE D 96 -11.37 -17.39 5.84
C ILE D 96 -12.28 -16.89 4.74
N ALA D 97 -13.50 -16.57 5.14
CA ALA D 97 -14.48 -15.89 4.32
C ALA D 97 -14.68 -14.42 4.66
N ALA D 98 -14.57 -14.08 5.96
CA ALA D 98 -14.73 -12.67 6.35
C ALA D 98 -14.06 -12.44 7.72
N ILE D 99 -13.72 -11.19 8.00
CA ILE D 99 -13.06 -10.84 9.27
C ILE D 99 -13.72 -9.60 9.84
N SER D 100 -13.81 -9.51 11.18
CA SER D 100 -14.22 -8.28 11.85
C SER D 100 -13.14 -7.92 12.85
N MET D 101 -12.89 -6.63 12.97
CA MET D 101 -11.94 -6.08 13.91
CA MET D 101 -11.98 -6.10 13.96
C MET D 101 -12.73 -5.13 14.78
N ALA D 102 -12.59 -5.28 16.09
CA ALA D 102 -13.21 -4.41 17.02
C ALA D 102 -12.41 -4.64 18.29
N ASN D 103 -12.43 -3.63 19.13
CA ASN D 103 -11.91 -3.79 20.51
C ASN D 103 -12.66 -4.86 21.35
N THR E 1 -17.21 22.03 -9.53
CA THR E 1 -16.58 21.00 -8.63
C THR E 1 -16.78 21.42 -7.18
N PRO E 2 -17.30 20.51 -6.34
CA PRO E 2 -17.50 20.86 -4.91
C PRO E 2 -16.18 21.00 -4.13
N GLN E 3 -16.19 21.82 -3.09
CA GLN E 3 -15.06 22.04 -2.21
C GLN E 3 -15.19 21.31 -0.90
N ASN E 4 -16.29 20.58 -0.70
CA ASN E 4 -16.50 19.86 0.56
C ASN E 4 -17.52 18.75 0.37
N ILE E 5 -17.55 17.83 1.33
CA ILE E 5 -18.35 16.64 1.21
C ILE E 5 -19.87 16.92 1.15
N THR E 6 -20.30 17.93 1.89
CA THR E 6 -21.72 18.27 1.94
C THR E 6 -22.20 18.71 0.57
N ASP E 7 -21.41 19.54 -0.09
CA ASP E 7 -21.80 20.06 -1.41
C ASP E 7 -21.67 18.96 -2.45
N LEU E 8 -20.72 18.04 -2.28
CA LEU E 8 -20.58 16.93 -3.19
C LEU E 8 -21.80 16.03 -3.05
N CYS E 9 -22.19 15.80 -1.80
CA CYS E 9 -23.31 14.89 -1.53
CA CYS E 9 -23.33 14.93 -1.46
C CYS E 9 -24.62 15.41 -2.13
N ALA E 10 -24.80 16.71 -2.10
CA ALA E 10 -26.00 17.37 -2.67
C ALA E 10 -26.10 17.36 -4.18
N GLU E 11 -25.04 16.97 -4.88
CA GLU E 11 -25.11 16.74 -6.33
C GLU E 11 -25.80 15.46 -6.74
N TYR E 12 -26.12 14.58 -5.79
CA TYR E 12 -26.68 13.27 -6.10
C TYR E 12 -28.08 13.13 -5.53
N HIS E 13 -28.86 12.22 -6.11
CA HIS E 13 -30.15 11.79 -5.53
C HIS E 13 -29.96 10.63 -4.56
N ASN E 14 -30.92 10.50 -3.65
CA ASN E 14 -30.95 9.46 -2.68
C ASN E 14 -29.70 9.46 -1.78
N THR E 15 -29.17 10.65 -1.48
CA THR E 15 -27.99 10.75 -0.59
C THR E 15 -28.24 11.64 0.59
N GLN E 16 -27.47 11.43 1.65
CA GLN E 16 -27.51 12.30 2.80
C GLN E 16 -26.19 12.24 3.54
N ILE E 17 -25.99 13.22 4.38
CA ILE E 17 -24.80 13.34 5.20
C ILE E 17 -25.14 12.83 6.61
N HIS E 18 -24.27 11.98 7.15
CA HIS E 18 -24.30 11.58 8.55
C HIS E 18 -23.07 12.19 9.16
N THR E 19 -23.25 12.94 10.22
CA THR E 19 -22.15 13.54 10.96
C THR E 19 -21.83 12.65 12.14
N LEU E 20 -20.60 12.13 12.18
CA LEU E 20 -20.15 11.23 13.26
C LEU E 20 -19.20 11.89 14.25
N ASN E 21 -18.17 12.56 13.74
CA ASN E 21 -17.11 13.07 14.62
C ASN E 21 -16.61 12.07 15.66
N ASP E 22 -16.27 10.89 15.16
CA ASP E 22 -15.88 9.79 16.02
C ASP E 22 -15.05 8.82 15.22
N LYS E 23 -14.24 8.05 15.93
CA LYS E 23 -13.53 6.92 15.32
CA LYS E 23 -13.53 6.92 15.32
C LYS E 23 -14.47 5.77 14.99
N ILE E 24 -14.02 4.89 14.09
CA ILE E 24 -14.76 3.70 13.71
C ILE E 24 -14.71 2.68 14.85
N PHE E 25 -15.87 2.14 15.24
CA PHE E 25 -15.97 1.15 16.30
C PHE E 25 -15.60 -0.23 15.81
N SER E 26 -16.03 -0.61 14.61
CA SER E 26 -15.63 -1.89 14.04
C SER E 26 -15.48 -1.83 12.53
N TYR E 27 -14.62 -2.67 12.03
CA TYR E 27 -14.37 -2.79 10.59
C TYR E 27 -14.49 -4.25 10.20
N THR E 28 -15.35 -4.54 9.22
CA THR E 28 -15.57 -5.90 8.73
C THR E 28 -15.39 -5.95 7.24
N GLU E 29 -14.74 -6.98 6.77
CA GLU E 29 -14.65 -7.18 5.31
C GLU E 29 -14.77 -8.63 4.96
N SER E 30 -15.28 -8.89 3.76
CA SER E 30 -15.65 -10.21 3.30
C SER E 30 -15.14 -10.47 1.90
N LEU E 31 -14.63 -11.69 1.68
CA LEU E 31 -14.28 -12.17 0.36
C LEU E 31 -15.27 -13.20 -0.19
N ALA E 32 -16.36 -13.44 0.54
CA ALA E 32 -17.29 -14.51 0.16
C ALA E 32 -18.02 -14.08 -1.09
N GLY E 33 -18.34 -15.08 -1.91
CA GLY E 33 -18.94 -14.78 -3.23
C GLY E 33 -20.26 -14.05 -3.14
N LYS E 34 -20.37 -12.95 -3.89
CA LYS E 34 -21.52 -12.04 -3.92
C LYS E 34 -21.67 -11.14 -2.69
N ARG E 35 -20.70 -11.21 -1.78
CA ARG E 35 -20.68 -10.38 -0.59
C ARG E 35 -19.25 -9.86 -0.38
N GLU E 36 -18.64 -9.42 -1.47
CA GLU E 36 -17.27 -8.86 -1.43
C GLU E 36 -17.44 -7.41 -1.09
N MET E 37 -17.58 -7.15 0.22
CA MET E 37 -18.01 -5.87 0.74
C MET E 37 -17.26 -5.53 2.01
N ALA E 38 -17.40 -4.31 2.46
CA ALA E 38 -16.96 -3.90 3.80
C ALA E 38 -18.09 -3.32 4.58
N ILE E 39 -18.04 -3.44 5.92
CA ILE E 39 -19.03 -2.87 6.79
C ILE E 39 -18.32 -2.16 7.93
N ILE E 40 -18.70 -0.95 8.21
CA ILE E 40 -18.19 -0.27 9.40
C ILE E 40 -19.32 0.10 10.34
N THR E 41 -19.00 0.22 11.62
CA THR E 41 -19.96 0.71 12.60
C THR E 41 -19.35 1.75 13.49
N PHE E 42 -20.18 2.53 14.13
CA PHE E 42 -19.81 3.51 15.14
C PHE E 42 -20.48 3.14 16.45
N LYS E 43 -19.96 3.70 17.53
CA LYS E 43 -20.42 3.30 18.87
CA LYS E 43 -20.42 3.23 18.83
C LYS E 43 -21.88 3.66 19.11
N ASN E 44 -22.39 4.65 18.38
CA ASN E 44 -23.84 4.98 18.43
C ASN E 44 -24.77 4.01 17.69
N GLY E 45 -24.23 2.97 17.08
CA GLY E 45 -25.00 1.98 16.35
C GLY E 45 -25.09 2.18 14.86
N ALA E 46 -24.66 3.35 14.40
CA ALA E 46 -24.65 3.63 12.97
C ALA E 46 -23.83 2.58 12.25
N THR E 47 -24.36 2.07 11.15
CA THR E 47 -23.76 0.98 10.37
C THR E 47 -23.83 1.37 8.90
N PHE E 48 -22.69 1.26 8.24
CA PHE E 48 -22.52 1.61 6.84
C PHE E 48 -21.78 0.55 6.06
N GLN E 49 -22.09 0.41 4.77
CA GLN E 49 -21.39 -0.50 3.89
C GLN E 49 -20.62 0.22 2.80
N VAL E 50 -19.59 -0.42 2.31
CA VAL E 50 -19.09 -0.18 0.95
C VAL E 50 -19.66 -1.32 0.13
N GLU E 51 -20.51 -0.94 -0.81
CA GLU E 51 -21.21 -1.93 -1.58
C GLU E 51 -20.34 -2.86 -2.38
N VAL E 52 -20.82 -4.09 -2.55
CA VAL E 52 -20.28 -5.04 -3.52
C VAL E 52 -20.28 -4.33 -4.86
N PRO E 53 -19.18 -4.39 -5.61
CA PRO E 53 -19.17 -3.77 -6.96
C PRO E 53 -20.22 -4.41 -7.83
N GLY E 54 -20.97 -3.59 -8.55
CA GLY E 54 -22.08 -4.15 -9.34
C GLY E 54 -22.44 -3.32 -10.55
N SER E 55 -23.61 -3.66 -11.09
CA SER E 55 -24.11 -3.02 -12.29
C SER E 55 -24.34 -1.54 -12.12
N GLN E 56 -24.57 -1.09 -10.89
CA GLN E 56 -24.80 0.31 -10.58
C GLN E 56 -23.49 1.14 -10.54
N HIS E 57 -22.36 0.50 -10.81
CA HIS E 57 -21.08 1.18 -10.79
C HIS E 57 -20.42 1.19 -12.16
N ILE E 58 -19.87 2.33 -12.51
CA ILE E 58 -19.00 2.49 -13.70
C ILE E 58 -17.55 2.16 -13.38
N ASP E 59 -16.72 1.98 -14.41
CA ASP E 59 -15.30 1.58 -14.17
C ASP E 59 -14.52 2.53 -13.27
N SER E 60 -14.68 3.84 -13.43
CA SER E 60 -14.04 4.79 -12.53
C SER E 60 -14.43 4.65 -11.06
N GLN E 61 -15.64 4.18 -10.80
CA GLN E 61 -16.00 3.96 -9.44
C GLN E 61 -15.34 2.69 -8.87
N LYS E 62 -15.00 1.74 -9.73
CA LYS E 62 -14.31 0.48 -9.29
C LYS E 62 -13.04 0.74 -8.48
N LYS E 63 -12.08 1.49 -9.02
CA LYS E 63 -10.84 1.78 -8.29
CA LYS E 63 -10.84 1.82 -8.30
C LYS E 63 -11.21 2.57 -7.05
N ALA E 64 -12.22 3.45 -7.13
CA ALA E 64 -12.56 4.28 -5.96
C ALA E 64 -13.19 3.46 -4.84
N ILE E 65 -13.98 2.44 -5.18
CA ILE E 65 -14.49 1.52 -4.20
C ILE E 65 -13.35 0.81 -3.47
N GLU E 66 -12.33 0.36 -4.21
CA GLU E 66 -11.21 -0.32 -3.59
C GLU E 66 -10.46 0.65 -2.71
N ARG E 67 -10.29 1.88 -3.17
CA ARG E 67 -9.66 2.89 -2.33
C ARG E 67 -10.41 3.14 -1.05
N MET E 68 -11.73 3.23 -1.13
CA MET E 68 -12.51 3.56 0.07
C MET E 68 -12.36 2.45 1.14
N LYS E 69 -12.33 1.19 0.73
CA LYS E 69 -12.16 0.10 1.71
C LYS E 69 -10.75 0.24 2.33
N ASP E 70 -9.76 0.58 1.49
CA ASP E 70 -8.38 0.84 2.03
C ASP E 70 -8.46 1.96 3.07
N THR E 71 -9.13 3.04 2.76
CA THR E 71 -9.24 4.19 3.66
C THR E 71 -9.87 3.81 4.98
N LEU E 72 -10.98 3.09 4.90
CA LEU E 72 -11.71 2.70 6.12
C LEU E 72 -10.86 1.79 7.00
N ARG E 73 -10.13 0.86 6.41
CA ARG E 73 -9.31 -0.04 7.20
C ARG E 73 -8.22 0.74 7.97
N ILE E 74 -7.51 1.61 7.26
CA ILE E 74 -6.43 2.34 7.96
C ILE E 74 -7.00 3.40 8.92
N ALA E 75 -8.13 4.05 8.64
CA ALA E 75 -8.78 4.91 9.58
C ALA E 75 -9.12 4.16 10.86
N TYR E 76 -9.70 2.98 10.69
CA TYR E 76 -10.04 2.14 11.86
C TYR E 76 -8.82 1.85 12.68
N LEU E 77 -7.76 1.37 12.04
CA LEU E 77 -6.53 0.96 12.79
C LEU E 77 -5.89 2.11 13.51
N THR E 78 -5.97 3.30 12.95
CA THR E 78 -5.32 4.48 13.54
C THR E 78 -6.23 5.32 14.44
N GLU E 79 -7.43 4.85 14.72
CA GLU E 79 -8.41 5.60 15.49
C GLU E 79 -8.67 7.01 14.94
N ALA E 80 -8.61 7.15 13.62
CA ALA E 80 -8.85 8.43 12.99
C ALA E 80 -10.28 8.86 13.17
N LYS E 81 -10.49 10.10 13.51
CA LYS E 81 -11.86 10.61 13.63
CA LYS E 81 -11.85 10.59 13.63
C LYS E 81 -12.46 10.78 12.25
N VAL E 82 -13.62 10.17 12.05
CA VAL E 82 -14.42 10.35 10.85
C VAL E 82 -15.35 11.54 11.14
N GLU E 83 -15.29 12.55 10.30
CA GLU E 83 -16.11 13.74 10.43
C GLU E 83 -17.51 13.43 9.88
N LYS E 84 -17.60 13.23 8.57
CA LYS E 84 -18.88 12.95 7.92
C LYS E 84 -18.79 11.83 6.94
N LEU E 85 -19.95 11.20 6.70
CA LEU E 85 -20.11 10.31 5.59
C LEU E 85 -21.25 10.81 4.70
N CYS E 86 -21.03 10.75 3.39
CA CYS E 86 -22.11 10.89 2.40
C CYS E 86 -22.53 9.52 2.09
N VAL E 87 -23.82 9.21 2.20
CA VAL E 87 -24.27 7.88 1.95
C VAL E 87 -25.51 7.85 1.08
N TRP E 88 -25.68 6.78 0.33
CA TRP E 88 -26.95 6.50 -0.35
C TRP E 88 -27.88 5.92 0.70
N ASN E 89 -29.07 6.53 0.83
CA ASN E 89 -30.07 6.15 1.80
C ASN E 89 -31.12 5.19 1.27
N ASN E 90 -30.94 4.69 0.05
CA ASN E 90 -31.81 3.67 -0.53
C ASN E 90 -31.22 2.31 -0.51
N LYS E 91 -30.21 2.12 0.34
CA LYS E 91 -29.62 0.83 0.60
C LYS E 91 -29.58 0.66 2.13
N THR E 92 -29.60 -0.60 2.55
CA THR E 92 -29.51 -0.97 3.99
C THR E 92 -28.46 -2.04 4.18
N PRO E 93 -27.41 -1.78 4.98
CA PRO E 93 -27.02 -0.51 5.56
C PRO E 93 -26.79 0.58 4.51
N HIS E 94 -26.89 1.82 4.94
CA HIS E 94 -26.64 2.93 4.03
C HIS E 94 -25.23 2.78 3.41
N ALA E 95 -25.09 3.16 2.15
CA ALA E 95 -23.94 2.81 1.33
C ALA E 95 -23.09 4.04 1.17
N ILE E 96 -21.78 3.90 1.48
CA ILE E 96 -20.90 5.05 1.49
C ILE E 96 -20.59 5.51 0.06
N ALA E 97 -20.79 6.80 -0.15
CA ALA E 97 -20.38 7.50 -1.34
C ALA E 97 -19.11 8.34 -1.15
N ALA E 98 -18.94 8.90 0.05
CA ALA E 98 -17.76 9.76 0.34
C ALA E 98 -17.55 9.81 1.85
N ILE E 99 -16.31 10.12 2.23
CA ILE E 99 -15.92 10.28 3.64
C ILE E 99 -15.11 11.55 3.81
N SER E 100 -15.26 12.23 4.95
CA SER E 100 -14.39 13.26 5.35
C SER E 100 -13.81 12.91 6.71
N MET E 101 -12.54 13.24 6.92
CA MET E 101 -11.82 13.04 8.16
C MET E 101 -11.26 14.37 8.58
N ALA E 102 -11.50 14.74 9.84
CA ALA E 102 -10.97 15.94 10.41
C ALA E 102 -10.98 15.73 11.92
N ASN E 103 -10.10 16.48 12.58
CA ASN E 103 -10.14 16.77 14.03
C ASN E 103 -9.75 15.54 14.82
#